data_9BK8
#
_entry.id   9BK8
#
_cell.length_a   75.547
_cell.length_b   75.547
_cell.length_c   139.748
_cell.angle_alpha   90.000
_cell.angle_beta   90.000
_cell.angle_gamma   120.000
#
_symmetry.space_group_name_H-M   'H 3 2'
#
loop_
_entity.id
_entity.type
_entity.pdbx_description
1 polymer 'RidA family protein PA5083'
2 non-polymer '2-KETOBUTYRIC ACID'
3 water water
#
_entity_poly.entity_id   1
_entity_poly.type   'polypeptide(L)'
_entity_poly.pdbx_seq_one_letter_code
;MEPTRIATNDRLSAAVCFDALVFLSGQVPGQAEDIHGQTREVLAKIDALLAEAGSRKERILSATIYLKDIARDFAALNEV
WTQWLPTGQAPSRTTVQAELARPSVLVEITVVAARG
;
_entity_poly.pdbx_strand_id   A
#
# COMPACT_ATOMS: atom_id res chain seq x y z
N MET A 1 -15.19 -10.12 -17.22
CA MET A 1 -16.44 -10.28 -16.44
C MET A 1 -16.24 -11.11 -15.18
N GLU A 2 -15.04 -11.67 -15.00
CA GLU A 2 -14.73 -12.41 -13.78
C GLU A 2 -13.54 -11.77 -13.08
N PRO A 3 -13.60 -11.54 -11.77
CA PRO A 3 -12.39 -11.18 -11.03
C PRO A 3 -11.32 -12.28 -11.13
N THR A 4 -10.06 -11.86 -11.18
CA THR A 4 -8.93 -12.76 -11.05
C THR A 4 -8.13 -12.37 -9.81
N ARG A 5 -7.40 -13.32 -9.28
CA ARG A 5 -6.75 -13.16 -8.00
C ARG A 5 -5.26 -13.49 -8.08
N ILE A 6 -4.48 -12.79 -7.27
CA ILE A 6 -3.05 -13.00 -7.14
C ILE A 6 -2.73 -13.25 -5.66
N ALA A 7 -2.06 -14.39 -5.39
CA ALA A 7 -1.56 -14.76 -4.07
C ALA A 7 -2.71 -14.90 -3.06
N THR A 8 -3.49 -15.96 -3.28
CA THR A 8 -4.66 -16.24 -2.46
C THR A 8 -4.31 -17.18 -1.31
N ASN A 9 -4.75 -16.82 -0.10
CA ASN A 9 -4.69 -17.73 1.03
C ASN A 9 -6.10 -17.85 1.62
N ASP A 10 -6.22 -18.41 2.82
CA ASP A 10 -7.53 -18.67 3.40
C ASP A 10 -8.26 -17.41 3.82
N ARG A 11 -7.56 -16.28 3.96
CA ARG A 11 -8.18 -15.05 4.41
C ARG A 11 -8.33 -14.00 3.32
N LEU A 12 -7.41 -13.95 2.37
CA LEU A 12 -7.34 -12.84 1.44
C LEU A 12 -6.54 -13.23 0.21
N SER A 13 -6.70 -12.43 -0.82
CA SER A 13 -5.78 -12.40 -1.95
C SER A 13 -5.01 -11.09 -1.93
N ALA A 14 -3.70 -11.19 -2.18
CA ALA A 14 -2.89 -10.00 -2.18
C ALA A 14 -3.40 -8.98 -3.18
N ALA A 15 -3.87 -9.45 -4.35
CA ALA A 15 -4.50 -8.55 -5.30
C ALA A 15 -5.71 -9.22 -5.94
N VAL A 16 -6.74 -8.42 -6.20
CA VAL A 16 -7.88 -8.84 -7.02
C VAL A 16 -8.01 -7.88 -8.18
N CYS A 17 -8.02 -8.42 -9.40
CA CYS A 17 -8.20 -7.63 -10.60
C CYS A 17 -9.62 -7.82 -11.14
N PHE A 18 -10.22 -6.72 -11.57
CA PHE A 18 -11.53 -6.77 -12.21
C PHE A 18 -11.59 -5.70 -13.28
N ASP A 19 -11.69 -6.13 -14.54
CA ASP A 19 -11.62 -5.23 -15.69
C ASP A 19 -10.35 -4.40 -15.59
N ALA A 20 -10.48 -3.07 -15.55
CA ALA A 20 -9.32 -2.20 -15.54
C ALA A 20 -8.90 -1.79 -14.15
N LEU A 21 -9.44 -2.42 -13.12
CA LEU A 21 -9.15 -2.05 -11.74
C LEU A 21 -8.36 -3.14 -11.03
N VAL A 22 -7.48 -2.70 -10.12
CA VAL A 22 -6.65 -3.56 -9.29
C VAL A 22 -6.91 -3.15 -7.84
N PHE A 23 -7.34 -4.09 -7.01
CA PHE A 23 -7.57 -3.88 -5.59
C PHE A 23 -6.50 -4.65 -4.82
N LEU A 24 -5.67 -3.96 -4.06
CA LEU A 24 -4.66 -4.63 -3.26
C LEU A 24 -5.10 -4.77 -1.81
N SER A 25 -4.76 -5.91 -1.22
CA SER A 25 -4.87 -6.02 0.22
C SER A 25 -3.96 -5.00 0.90
N GLY A 26 -4.35 -4.58 2.09
CA GLY A 26 -3.47 -3.78 2.92
C GLY A 26 -2.13 -4.44 3.08
N GLN A 27 -1.05 -3.71 2.80
CA GLN A 27 0.29 -4.25 2.88
C GLN A 27 0.93 -3.79 4.18
N VAL A 28 1.62 -4.72 4.82
CA VAL A 28 2.29 -4.47 6.10
C VAL A 28 3.80 -4.60 5.89
N PRO A 29 4.60 -4.17 6.85
CA PRO A 29 6.05 -4.09 6.59
C PRO A 29 6.70 -5.45 6.51
N GLY A 30 8.03 -5.48 6.30
CA GLY A 30 8.77 -6.74 6.40
C GLY A 30 9.35 -6.92 7.77
N GLN A 31 10.64 -6.70 7.89
CA GLN A 31 11.32 -6.94 9.15
C GLN A 31 11.68 -5.65 9.86
N ALA A 32 11.48 -4.50 9.21
CA ALA A 32 11.86 -3.24 9.80
C ALA A 32 11.08 -3.03 11.08
N GLU A 33 11.73 -2.40 12.06
CA GLU A 33 11.09 -2.11 13.33
C GLU A 33 10.72 -0.64 13.46
N ASP A 34 11.33 0.21 12.65
CA ASP A 34 11.23 1.66 12.69
C ASP A 34 10.27 2.13 11.62
N ILE A 35 9.76 3.34 11.78
CA ILE A 35 8.73 3.82 10.86
C ILE A 35 9.28 4.02 9.44
N HIS A 36 10.47 4.62 9.30
CA HIS A 36 11.00 4.85 7.94
C HIS A 36 11.17 3.53 7.21
N GLY A 37 11.87 2.60 7.85
CA GLY A 37 12.09 1.29 7.25
C GLY A 37 10.79 0.59 6.92
N GLN A 38 9.84 0.62 7.86
CA GLN A 38 8.57 -0.07 7.65
C GLN A 38 7.80 0.52 6.49
N THR A 39 7.83 1.86 6.35
CA THR A 39 7.12 2.49 5.25
C THR A 39 7.76 2.09 3.92
N ARG A 40 9.09 2.14 3.86
CA ARG A 40 9.80 1.69 2.66
C ARG A 40 9.39 0.27 2.28
N GLU A 41 9.28 -0.61 3.25
CA GLU A 41 8.97 -1.99 2.99
C GLU A 41 7.53 -2.19 2.52
N VAL A 42 6.58 -1.52 3.17
CA VAL A 42 5.20 -1.54 2.68
C VAL A 42 5.14 -1.10 1.22
N LEU A 43 5.77 0.03 0.90
CA LEU A 43 5.71 0.57 -0.45
C LEU A 43 6.41 -0.36 -1.46
N ALA A 44 7.49 -1.02 -1.05
CA ALA A 44 8.13 -2.01 -1.93
C ALA A 44 7.18 -3.15 -2.24
N LYS A 45 6.44 -3.62 -1.23
CA LYS A 45 5.49 -4.70 -1.45
C LYS A 45 4.37 -4.26 -2.38
N ILE A 46 3.90 -3.03 -2.21
CA ILE A 46 2.88 -2.51 -3.11
C ILE A 46 3.42 -2.44 -4.54
N ASP A 47 4.63 -1.93 -4.73
CA ASP A 47 5.15 -1.78 -6.10
C ASP A 47 5.24 -3.14 -6.79
N ALA A 48 5.62 -4.18 -6.04
CA ALA A 48 5.68 -5.51 -6.65
C ALA A 48 4.29 -6.03 -7.03
N LEU A 49 3.30 -5.83 -6.16
CA LEU A 49 1.96 -6.31 -6.49
C LEU A 49 1.37 -5.55 -7.65
N LEU A 50 1.61 -4.24 -7.74
CA LEU A 50 1.17 -3.49 -8.90
C LEU A 50 1.75 -4.10 -10.17
N ALA A 51 3.05 -4.39 -10.16
CA ALA A 51 3.65 -5.00 -11.35
C ALA A 51 2.98 -6.32 -11.70
N GLU A 52 2.77 -7.18 -10.70
CA GLU A 52 2.18 -8.49 -10.95
C GLU A 52 0.77 -8.39 -11.51
N ALA A 53 0.06 -7.33 -11.13
CA ALA A 53 -1.33 -7.14 -11.53
C ALA A 53 -1.48 -6.33 -12.82
N GLY A 54 -0.38 -5.98 -13.48
CA GLY A 54 -0.48 -5.24 -14.72
C GLY A 54 -0.69 -3.75 -14.53
N SER A 55 -0.27 -3.21 -13.40
CA SER A 55 -0.36 -1.78 -13.13
C SER A 55 1.05 -1.25 -12.85
N ARG A 56 1.11 -0.05 -12.29
CA ARG A 56 2.39 0.59 -11.97
C ARG A 56 2.12 1.76 -11.04
N LYS A 57 3.20 2.29 -10.44
CA LYS A 57 3.03 3.36 -9.45
C LYS A 57 2.30 4.56 -10.05
N GLU A 58 2.54 4.86 -11.33
CA GLU A 58 1.93 6.01 -11.97
C GLU A 58 0.42 5.85 -12.16
N ARG A 59 -0.13 4.66 -11.92
CA ARG A 59 -1.53 4.38 -12.16
C ARG A 59 -2.30 4.11 -10.86
N ILE A 60 -1.73 4.47 -9.72
CA ILE A 60 -2.46 4.36 -8.47
C ILE A 60 -3.61 5.37 -8.48
N LEU A 61 -4.78 4.93 -8.05
CA LEU A 61 -5.97 5.75 -8.02
C LEU A 61 -6.24 6.29 -6.61
N SER A 62 -6.04 5.42 -5.62
CA SER A 62 -6.29 5.81 -4.22
C SER A 62 -5.42 4.99 -3.30
N ALA A 63 -5.03 5.62 -2.19
CA ALA A 63 -4.32 4.97 -1.10
C ALA A 63 -4.95 5.42 0.21
N THR A 64 -5.26 4.46 1.07
CA THR A 64 -5.56 4.72 2.47
C THR A 64 -4.39 4.23 3.30
N ILE A 65 -3.83 5.13 4.09
CA ILE A 65 -2.64 4.89 4.89
C ILE A 65 -3.06 4.89 6.36
N TYR A 66 -2.80 3.78 7.04
CA TYR A 66 -3.12 3.59 8.45
C TYR A 66 -1.84 3.65 9.25
N LEU A 67 -1.79 4.56 10.22
CA LEU A 67 -0.66 4.70 11.12
C LEU A 67 -1.07 4.32 12.54
N LYS A 68 -0.28 3.48 13.18
CA LYS A 68 -0.54 3.18 14.59
C LYS A 68 -0.57 4.44 15.43
N ASP A 69 0.35 5.38 15.17
CA ASP A 69 0.47 6.64 15.91
C ASP A 69 0.64 7.76 14.89
N ILE A 70 -0.46 8.41 14.52
CA ILE A 70 -0.38 9.37 13.45
C ILE A 70 0.40 10.60 13.88
N ALA A 71 0.23 11.04 15.15
CA ALA A 71 0.97 12.23 15.57
C ALA A 71 2.46 12.00 15.49
N ARG A 72 2.90 10.82 15.87
CA ARG A 72 4.31 10.51 15.99
C ARG A 72 4.96 10.27 14.63
N ASP A 73 4.23 9.63 13.73
CA ASP A 73 4.85 9.05 12.54
C ASP A 73 4.42 9.67 11.22
N PHE A 74 3.52 10.66 11.23
CA PHE A 74 3.05 11.26 9.99
C PHE A 74 4.19 11.87 9.19
N ALA A 75 5.14 12.53 9.87
CA ALA A 75 6.21 13.20 9.13
C ALA A 75 7.12 12.19 8.44
N ALA A 76 7.48 11.13 9.14
CA ALA A 76 8.33 10.08 8.57
C ALA A 76 7.62 9.38 7.42
N LEU A 77 6.34 9.06 7.62
CA LEU A 77 5.54 8.49 6.54
C LEU A 77 5.58 9.37 5.30
N ASN A 78 5.33 10.66 5.47
CA ASN A 78 5.32 11.57 4.32
C ASN A 78 6.69 11.65 3.64
N GLU A 79 7.76 11.71 4.42
CA GLU A 79 9.10 11.72 3.84
C GLU A 79 9.28 10.53 2.88
N VAL A 80 9.01 9.31 3.36
CA VAL A 80 9.28 8.13 2.55
C VAL A 80 8.30 8.05 1.39
N TRP A 81 7.02 8.34 1.65
CA TRP A 81 5.98 8.30 0.64
C TRP A 81 6.30 9.23 -0.53
N THR A 82 6.63 10.49 -0.22
CA THR A 82 6.88 11.42 -1.31
C THR A 82 8.10 11.04 -2.10
N GLN A 83 9.12 10.47 -1.44
CA GLN A 83 10.30 9.99 -2.19
C GLN A 83 9.92 8.86 -3.14
N TRP A 84 9.02 7.97 -2.71
CA TRP A 84 8.67 6.79 -3.50
C TRP A 84 7.78 7.13 -4.69
N LEU A 85 6.98 8.17 -4.59
CA LEU A 85 6.01 8.43 -5.63
C LEU A 85 6.68 8.92 -6.92
N PRO A 86 6.11 8.57 -8.06
CA PRO A 86 6.56 9.18 -9.32
C PRO A 86 6.22 10.66 -9.35
N THR A 87 7.16 11.45 -9.86
CA THR A 87 7.02 12.91 -9.77
C THR A 87 5.76 13.41 -10.46
N GLY A 88 5.06 14.32 -9.78
CA GLY A 88 3.85 14.93 -10.30
C GLY A 88 2.67 14.01 -10.44
N GLN A 89 2.76 12.78 -9.95
CA GLN A 89 1.74 11.77 -10.22
C GLN A 89 1.21 11.13 -8.94
N ALA A 90 1.00 11.94 -7.91
CA ALA A 90 0.49 11.40 -6.66
C ALA A 90 -0.98 11.00 -6.78
N PRO A 91 -1.39 9.94 -6.08
CA PRO A 91 -2.78 9.49 -6.12
C PRO A 91 -3.65 10.26 -5.13
N SER A 92 -4.95 9.96 -5.13
CA SER A 92 -5.77 10.39 -4.01
C SER A 92 -5.32 9.63 -2.75
N ARG A 93 -5.47 10.26 -1.59
CA ARG A 93 -4.88 9.73 -0.39
C ARG A 93 -5.69 10.13 0.83
N THR A 94 -5.76 9.22 1.79
CA THR A 94 -6.35 9.44 3.10
C THR A 94 -5.42 8.78 4.12
N THR A 95 -5.03 9.51 5.17
CA THR A 95 -4.12 9.01 6.18
C THR A 95 -4.79 9.17 7.55
N VAL A 96 -4.97 8.06 8.27
CA VAL A 96 -5.66 8.07 9.55
C VAL A 96 -4.93 7.15 10.52
N GLN A 97 -5.28 7.29 11.79
CA GLN A 97 -4.72 6.45 12.83
C GLN A 97 -5.57 5.19 13.04
N ALA A 98 -4.92 4.05 13.13
CA ALA A 98 -5.59 2.80 13.48
C ALA A 98 -4.54 1.81 13.96
N GLU A 99 -4.83 1.12 15.05
CA GLU A 99 -4.00 0.00 15.45
C GLU A 99 -4.12 -1.11 14.40
N LEU A 100 -3.00 -1.76 14.10
CA LEU A 100 -2.94 -2.83 13.13
C LEU A 100 -2.87 -4.17 13.86
N ALA A 101 -2.82 -5.26 13.10
CA ALA A 101 -3.07 -6.57 13.71
C ALA A 101 -1.99 -6.98 14.70
N ARG A 102 -0.77 -6.50 14.52
CA ARG A 102 0.27 -6.71 15.52
C ARG A 102 0.74 -5.37 16.05
N PRO A 103 1.05 -5.27 17.35
CA PRO A 103 1.45 -3.96 17.92
C PRO A 103 2.75 -3.43 17.35
N SER A 104 3.62 -4.30 16.81
CA SER A 104 4.87 -3.83 16.24
C SER A 104 4.70 -3.23 14.86
N VAL A 105 3.53 -3.37 14.25
CA VAL A 105 3.28 -2.81 12.93
C VAL A 105 2.88 -1.36 13.12
N LEU A 106 3.63 -0.45 12.52
CA LEU A 106 3.38 0.96 12.65
C LEU A 106 2.60 1.55 11.50
N VAL A 107 2.52 0.85 10.36
CA VAL A 107 2.01 1.43 9.14
C VAL A 107 1.48 0.30 8.24
N GLU A 108 0.36 0.56 7.58
CA GLU A 108 -0.27 -0.37 6.64
C GLU A 108 -0.91 0.47 5.56
N ILE A 109 -0.79 0.08 4.30
CA ILE A 109 -1.30 0.91 3.20
C ILE A 109 -2.12 0.06 2.25
N THR A 110 -3.31 0.55 1.92
CA THR A 110 -4.22 -0.14 1.01
C THR A 110 -4.40 0.68 -0.26
N VAL A 111 -4.14 0.05 -1.42
CA VAL A 111 -4.12 0.75 -2.69
C VAL A 111 -5.15 0.15 -3.66
N VAL A 112 -5.75 1.04 -4.43
CA VAL A 112 -6.54 0.69 -5.61
C VAL A 112 -5.87 1.40 -6.78
N ALA A 113 -5.72 0.68 -7.91
CA ALA A 113 -4.99 1.21 -9.04
C ALA A 113 -5.65 0.82 -10.35
N ALA A 114 -5.21 1.46 -11.43
CA ALA A 114 -5.72 1.17 -12.78
C ALA A 114 -4.77 0.24 -13.51
N ARG A 115 -5.32 -0.81 -14.11
CA ARG A 115 -4.52 -1.68 -14.96
C ARG A 115 -4.11 -0.92 -16.22
N GLY A 116 -2.94 -1.27 -16.73
CA GLY A 116 -2.41 -0.63 -17.94
C GLY A 116 -2.78 -1.41 -19.18
#